data_7RZZ
#
_entry.id   7RZZ
#
_cell.length_a   93.169
_cell.length_b   93.169
_cell.length_c   111.278
_cell.angle_alpha   90.000
_cell.angle_beta   90.000
_cell.angle_gamma   120.000
#
_symmetry.space_group_name_H-M   'P 61'
#
loop_
_entity.id
_entity.type
_entity.pdbx_description
1 polymer 'Fem-3 mRNA-binding factor 2'
2 polymer RNA
3 polymer 'Lateral Signaling Target'
4 water water
#
loop_
_entity_poly.entity_id
_entity_poly.type
_entity_poly.pdbx_seq_one_letter_code
_entity_poly.pdbx_strand_id
1 'polypeptide(L)'
;GSNNVLPTWSLDSNGEMRSRLSLSEVLDSGDLMKFAVDKTGCQFLEKAVKGSLTSYQKFQLFEQVIGRKDDFLKLSTNIF
GNYLVQSVIGISLATNDDGYTKRQEKLKNFISSQMTDMCLDKFACRVIQSSLQNMDLSLACKLVQALPRDARLIAICVDQ
NANHVIQKVVAVIPLKNWEFIVDFVATPEHLRQICSDKYGCRVVQTIIEKLTADSMNVDLTSAAQNLRERALQRLMTSVT
NRCQELATNEYANYIIQHIVSNDDLAVYRECIIEKCLMRNLLSLSQEKFASHVVEKAFLHAPLELLAEMMDEIFDGYIPH
PDTGKDALDIMMFHQFGNYVVQCMLTICCDAVSGRRQTKEGGYDHAISFQDWLKKLHSRVTKERHRLSRFSSGKKMIETL
ANLRSTHPIYELQ
;
A
2 'polyribonucleotide' CUGUGAAUG B
3 'polypeptide(L)' GSNSSTIAYSKSQHEAPKQLLQLRSEIKPLIPLNQP C
#
# COMPACT_ATOMS: atom_id res chain seq x y z
N LEU A 6 -3.89 39.03 17.47
CA LEU A 6 -3.94 38.86 18.91
C LEU A 6 -4.51 40.09 19.60
N PRO A 7 -5.33 39.87 20.63
CA PRO A 7 -5.93 41.00 21.35
C PRO A 7 -4.87 41.78 22.10
N THR A 8 -5.12 43.08 22.26
CA THR A 8 -4.12 43.97 22.85
C THR A 8 -3.95 43.74 24.34
N TRP A 9 -4.98 43.23 25.02
CA TRP A 9 -4.86 42.98 26.46
C TRP A 9 -3.88 41.87 26.78
N SER A 10 -3.45 41.10 25.78
CA SER A 10 -2.45 40.05 25.97
C SER A 10 -1.07 40.44 25.47
N LEU A 11 -0.88 41.72 25.13
CA LEU A 11 0.40 42.17 24.58
C LEU A 11 1.18 42.98 25.61
N MET A 17 3.38 41.97 22.84
CA MET A 17 3.71 40.64 22.37
C MET A 17 4.01 39.71 23.55
N ARG A 18 3.13 38.71 23.75
CA ARG A 18 3.25 37.71 24.80
C ARG A 18 3.17 38.33 26.19
N SER A 19 3.14 37.48 27.23
CA SER A 19 3.10 37.93 28.62
C SER A 19 3.31 36.74 29.56
N ARG A 20 2.82 36.87 30.79
CA ARG A 20 2.73 35.74 31.71
C ARG A 20 1.25 35.33 31.80
N LEU A 21 0.69 34.91 30.67
CA LEU A 21 -0.74 34.68 30.57
C LEU A 21 -1.16 33.44 31.35
N SER A 22 -2.38 33.50 31.88
CA SER A 22 -3.03 32.36 32.49
C SER A 22 -4.00 31.73 31.50
N LEU A 23 -4.17 30.41 31.61
CA LEU A 23 -5.10 29.73 30.71
C LEU A 23 -6.54 30.17 30.98
N SER A 24 -6.89 30.33 32.27
CA SER A 24 -8.23 30.81 32.61
C SER A 24 -8.49 32.20 32.05
N GLU A 25 -7.44 33.04 31.98
CA GLU A 25 -7.58 34.34 31.32
C GLU A 25 -8.04 34.16 29.88
N VAL A 26 -7.35 33.31 29.13
CA VAL A 26 -7.71 33.06 27.74
C VAL A 26 -9.12 32.50 27.65
N LEU A 27 -9.43 31.51 28.49
CA LEU A 27 -10.75 30.87 28.44
C LEU A 27 -11.85 31.85 28.82
N ASP A 28 -11.61 32.69 29.83
CA ASP A 28 -12.63 33.64 30.28
C ASP A 28 -12.79 34.84 29.36
N SER A 29 -11.81 35.11 28.50
CA SER A 29 -11.82 36.33 27.71
C SER A 29 -12.76 36.25 26.51
N GLY A 30 -13.04 35.06 26.00
CA GLY A 30 -13.76 34.92 24.75
C GLY A 30 -12.90 35.02 23.51
N ASP A 31 -11.58 35.17 23.67
CA ASP A 31 -10.66 35.37 22.56
C ASP A 31 -9.84 34.13 22.24
N LEU A 32 -10.29 32.94 22.66
CA LEU A 32 -9.55 31.71 22.36
C LEU A 32 -9.33 31.54 20.87
N MET A 33 -10.33 31.87 20.05
CA MET A 33 -10.23 31.59 18.62
C MET A 33 -9.05 32.31 17.98
N LYS A 34 -8.85 33.59 18.31
CA LYS A 34 -7.71 34.31 17.76
C LYS A 34 -6.39 33.89 18.38
N PHE A 35 -6.41 33.18 19.50
CA PHE A 35 -5.18 32.57 20.03
C PHE A 35 -4.86 31.26 19.32
N ALA A 36 -5.88 30.46 19.03
CA ALA A 36 -5.67 29.12 18.48
C ALA A 36 -5.23 29.14 17.02
N VAL A 37 -5.52 30.21 16.29
CA VAL A 37 -5.08 30.32 14.90
C VAL A 37 -3.77 31.09 14.78
N ASP A 38 -3.20 31.51 15.91
CA ASP A 38 -1.97 32.29 15.91
C ASP A 38 -0.79 31.36 16.17
N LYS A 39 0.31 31.62 15.46
CA LYS A 39 1.51 30.79 15.59
C LYS A 39 2.02 30.79 17.03
N THR A 40 2.07 31.97 17.66
CA THR A 40 2.53 32.04 19.04
C THR A 40 1.41 31.73 20.03
N GLY A 41 0.17 32.05 19.69
CA GLY A 41 -0.93 31.80 20.61
C GLY A 41 -1.25 30.34 20.75
N CYS A 42 -1.36 29.62 19.62
CA CYS A 42 -1.61 28.19 19.67
C CYS A 42 -0.46 27.45 20.33
N GLN A 43 0.76 27.97 20.19
CA GLN A 43 1.91 27.39 20.88
C GLN A 43 1.76 27.50 22.40
N PHE A 44 1.23 28.64 22.87
CA PHE A 44 0.99 28.81 24.30
C PHE A 44 -0.12 27.88 24.79
N LEU A 45 -1.15 27.67 23.95
CA LEU A 45 -2.28 26.85 24.36
C LEU A 45 -1.90 25.37 24.38
N GLU A 46 -1.05 24.94 23.46
CA GLU A 46 -0.64 23.53 23.44
C GLU A 46 0.10 23.16 24.72
N LYS A 47 0.89 24.08 25.27
CA LYS A 47 1.59 23.81 26.52
C LYS A 47 0.68 24.02 27.72
N ALA A 48 -0.28 24.95 27.63
CA ALA A 48 -1.17 25.20 28.76
C ALA A 48 -2.09 24.02 29.02
N VAL A 49 -2.65 23.42 27.97
CA VAL A 49 -3.58 22.30 28.13
C VAL A 49 -2.90 21.03 28.59
N LYS A 50 -1.57 21.03 28.66
CA LYS A 50 -0.83 19.86 29.15
C LYS A 50 -0.63 19.88 30.66
N GLY A 51 -0.97 20.98 31.33
CA GLY A 51 -0.87 21.05 32.77
C GLY A 51 -2.08 20.47 33.46
N SER A 52 -2.11 20.63 34.77
CA SER A 52 -3.22 20.14 35.59
CA SER A 52 -3.22 20.14 35.59
C SER A 52 -4.38 21.11 35.46
N LEU A 53 -5.39 20.72 34.69
CA LEU A 53 -6.55 21.57 34.46
C LEU A 53 -7.62 21.30 35.51
N THR A 54 -8.28 22.37 35.96
CA THR A 54 -9.43 22.19 36.83
C THR A 54 -10.61 21.63 36.04
N SER A 55 -11.62 21.18 36.76
CA SER A 55 -12.83 20.67 36.12
C SER A 55 -13.47 21.73 35.24
N TYR A 56 -13.45 22.99 35.68
CA TYR A 56 -14.07 24.06 34.90
C TYR A 56 -13.23 24.43 33.69
N GLN A 57 -11.90 24.45 33.83
CA GLN A 57 -11.04 24.74 32.69
C GLN A 57 -11.22 23.72 31.58
N LYS A 58 -11.41 22.45 31.95
CA LYS A 58 -11.72 21.43 30.95
C LYS A 58 -13.10 21.68 30.36
N PHE A 59 -14.07 22.07 31.19
CA PHE A 59 -15.40 22.40 30.71
C PHE A 59 -15.35 23.52 29.69
N GLN A 60 -14.48 24.51 29.91
CA GLN A 60 -14.37 25.62 28.98
C GLN A 60 -13.71 25.17 27.67
N LEU A 61 -12.65 24.37 27.76
CA LEU A 61 -11.99 23.89 26.54
C LEU A 61 -12.92 23.01 25.71
N PHE A 62 -13.68 22.12 26.36
CA PHE A 62 -14.63 21.29 25.64
C PHE A 62 -15.65 22.14 24.90
N GLU A 63 -16.19 23.15 25.58
CA GLU A 63 -17.20 24.03 24.97
C GLU A 63 -16.61 24.83 23.83
N GLN A 64 -15.41 25.38 24.01
CA GLN A 64 -14.88 26.36 23.07
C GLN A 64 -14.08 25.75 21.93
N VAL A 65 -13.53 24.54 22.09
CA VAL A 65 -12.70 23.94 21.07
C VAL A 65 -13.43 22.84 20.30
N ILE A 66 -14.24 22.03 20.99
CA ILE A 66 -14.95 20.95 20.30
C ILE A 66 -16.44 20.99 20.62
N GLY A 67 -16.94 22.16 21.02
CA GLY A 67 -18.33 22.28 21.41
C GLY A 67 -19.15 23.16 20.49
N ARG A 68 -18.49 23.98 19.68
CA ARG A 68 -19.15 24.86 18.72
C ARG A 68 -18.74 24.41 17.33
N LYS A 69 -19.73 24.04 16.50
CA LYS A 69 -19.43 23.37 15.24
C LYS A 69 -18.57 24.24 14.34
N ASP A 70 -18.96 25.52 14.19
CA ASP A 70 -18.23 26.39 13.26
C ASP A 70 -16.80 26.64 13.73
N ASP A 71 -16.61 26.86 15.02
CA ASP A 71 -15.26 27.03 15.55
C ASP A 71 -14.47 25.73 15.47
N PHE A 72 -15.13 24.59 15.68
CA PHE A 72 -14.46 23.31 15.55
C PHE A 72 -14.00 23.06 14.12
N LEU A 73 -14.85 23.41 13.14
CA LEU A 73 -14.46 23.27 11.74
C LEU A 73 -13.33 24.23 11.39
N LYS A 74 -13.44 25.48 11.82
CA LYS A 74 -12.39 26.46 11.54
C LYS A 74 -11.05 26.04 12.14
N LEU A 75 -11.06 25.57 13.38
CA LEU A 75 -9.80 25.18 14.02
C LEU A 75 -9.24 23.90 13.41
N SER A 76 -10.12 22.94 13.07
CA SER A 76 -9.66 21.69 12.50
C SER A 76 -9.00 21.89 11.14
N THR A 77 -9.45 22.89 10.39
CA THR A 77 -8.89 23.20 9.08
C THR A 77 -7.78 24.25 9.14
N ASN A 78 -7.31 24.57 10.34
CA ASN A 78 -6.28 25.58 10.53
C ASN A 78 -4.91 24.92 10.67
N ILE A 79 -3.88 25.58 10.15
CA ILE A 79 -2.54 25.01 10.15
C ILE A 79 -2.05 24.77 11.57
N PHE A 80 -2.40 25.66 12.50
CA PHE A 80 -2.02 25.51 13.90
C PHE A 80 -3.14 24.98 14.77
N GLY A 81 -4.37 25.46 14.57
CA GLY A 81 -5.48 25.08 15.42
C GLY A 81 -5.82 23.60 15.40
N ASN A 82 -5.48 22.88 14.33
CA ASN A 82 -5.79 21.47 14.27
C ASN A 82 -5.06 20.69 15.35
N TYR A 83 -3.87 21.17 15.76
CA TYR A 83 -3.17 20.55 16.88
C TYR A 83 -3.94 20.72 18.17
N LEU A 84 -4.50 21.91 18.41
CA LEU A 84 -5.27 22.14 19.62
C LEU A 84 -6.51 21.25 19.68
N VAL A 85 -7.15 21.02 18.53
CA VAL A 85 -8.34 20.18 18.49
C VAL A 85 -7.99 18.75 18.90
N GLN A 86 -6.88 18.21 18.38
CA GLN A 86 -6.49 16.86 18.74
C GLN A 86 -6.15 16.75 20.23
N SER A 87 -5.48 17.77 20.78
CA SER A 87 -5.21 17.80 22.22
C SER A 87 -6.50 17.76 23.02
N VAL A 88 -7.46 18.62 22.66
CA VAL A 88 -8.70 18.71 23.44
C VAL A 88 -9.53 17.45 23.26
N ILE A 89 -9.51 16.84 22.07
CA ILE A 89 -10.19 15.56 21.88
C ILE A 89 -9.59 14.51 22.82
N GLY A 90 -8.26 14.49 22.93
CA GLY A 90 -7.63 13.55 23.84
C GLY A 90 -7.96 13.83 25.29
N ILE A 91 -8.00 15.11 25.68
CA ILE A 91 -8.36 15.46 27.05
C ILE A 91 -9.80 15.07 27.33
N SER A 92 -10.69 15.26 26.34
CA SER A 92 -12.09 14.90 26.53
C SER A 92 -12.25 13.39 26.72
N LEU A 93 -11.51 12.60 25.94
CA LEU A 93 -11.59 11.14 26.08
C LEU A 93 -10.95 10.66 27.38
N ALA A 94 -10.04 11.44 27.96
CA ALA A 94 -9.42 11.09 29.23
C ALA A 94 -10.18 11.64 30.43
N THR A 95 -11.27 12.37 30.21
CA THR A 95 -12.05 13.00 31.29
C THR A 95 -13.35 12.23 31.43
N ASN A 96 -13.32 11.19 32.27
CA ASN A 96 -14.48 10.31 32.47
C ASN A 96 -15.41 10.93 33.51
N ASP A 97 -16.11 11.97 33.08
CA ASP A 97 -17.13 12.62 33.89
C ASP A 97 -18.51 12.36 33.27
N ASP A 98 -19.52 13.04 33.79
CA ASP A 98 -20.89 12.80 33.34
C ASP A 98 -21.21 13.46 32.01
N GLY A 99 -20.34 14.34 31.52
CA GLY A 99 -20.46 14.86 30.18
C GLY A 99 -19.72 14.05 29.13
N TYR A 100 -19.16 12.91 29.51
CA TYR A 100 -18.35 12.12 28.59
C TYR A 100 -19.18 11.63 27.41
N THR A 101 -20.36 11.05 27.68
CA THR A 101 -21.20 10.56 26.60
C THR A 101 -21.65 11.70 25.69
N LYS A 102 -22.06 12.82 26.28
CA LYS A 102 -22.56 13.94 25.48
C LYS A 102 -21.47 14.51 24.57
N ARG A 103 -20.22 14.54 25.04
CA ARG A 103 -19.15 15.18 24.29
C ARG A 103 -18.72 14.32 23.11
N GLN A 104 -18.56 13.02 23.33
CA GLN A 104 -18.15 12.14 22.24
C GLN A 104 -19.23 12.06 21.16
N GLU A 105 -20.50 12.08 21.57
CA GLU A 105 -21.58 12.08 20.59
C GLU A 105 -21.59 13.37 19.78
N LYS A 106 -21.41 14.52 20.45
CA LYS A 106 -21.33 15.79 19.74
C LYS A 106 -20.15 15.82 18.78
N LEU A 107 -19.02 15.24 19.19
CA LEU A 107 -17.83 15.22 18.35
C LEU A 107 -18.06 14.37 17.10
N LYS A 108 -18.69 13.21 17.25
CA LYS A 108 -18.96 12.35 16.11
C LYS A 108 -19.92 13.03 15.14
N ASN A 109 -20.95 13.70 15.66
CA ASN A 109 -21.90 14.38 14.79
C ASN A 109 -21.24 15.55 14.06
N PHE A 110 -20.37 16.29 14.75
CA PHE A 110 -19.64 17.38 14.10
C PHE A 110 -18.86 16.86 12.90
N ILE A 111 -18.04 15.83 13.10
CA ILE A 111 -17.17 15.35 12.04
C ILE A 111 -18.00 14.67 10.94
N SER A 112 -18.98 13.85 11.33
CA SER A 112 -19.77 13.13 10.33
C SER A 112 -20.49 14.08 9.39
N SER A 113 -20.93 15.22 9.90
CA SER A 113 -21.66 16.19 9.08
C SER A 113 -20.77 16.84 8.02
N GLN A 114 -19.46 16.77 8.17
CA GLN A 114 -18.51 17.37 7.23
C GLN A 114 -17.42 16.38 6.86
N MET A 115 -17.79 15.09 6.76
CA MET A 115 -16.80 14.03 6.60
C MET A 115 -15.94 14.24 5.36
N THR A 116 -16.58 14.40 4.20
CA THR A 116 -15.84 14.43 2.94
C THR A 116 -14.87 15.62 2.90
N ASP A 117 -15.37 16.82 3.20
CA ASP A 117 -14.52 18.02 3.09
C ASP A 117 -13.40 17.99 4.13
N MET A 118 -13.68 17.46 5.33
CA MET A 118 -12.61 17.33 6.32
C MET A 118 -11.56 16.32 5.88
N CYS A 119 -11.98 15.26 5.20
CA CYS A 119 -11.03 14.28 4.69
C CYS A 119 -10.10 14.88 3.65
N LEU A 120 -10.63 15.74 2.78
CA LEU A 120 -9.85 16.35 1.71
C LEU A 120 -9.01 17.53 2.17
N ASP A 121 -9.16 17.96 3.42
CA ASP A 121 -8.42 19.11 3.94
C ASP A 121 -7.10 18.62 4.53
N LYS A 122 -6.02 19.34 4.22
CA LYS A 122 -4.69 18.94 4.68
C LYS A 122 -4.63 18.80 6.19
N PHE A 123 -5.30 19.71 6.91
CA PHE A 123 -5.22 19.71 8.37
C PHE A 123 -6.39 18.97 9.02
N ALA A 124 -7.60 19.12 8.49
CA ALA A 124 -8.75 18.47 9.10
C ALA A 124 -8.69 16.96 8.98
N CYS A 125 -7.98 16.44 7.96
CA CYS A 125 -7.82 15.00 7.83
C CYS A 125 -7.00 14.41 8.97
N ARG A 126 -6.21 15.23 9.66
CA ARG A 126 -5.50 14.77 10.85
C ARG A 126 -6.44 14.67 12.06
N VAL A 127 -7.43 15.56 12.13
CA VAL A 127 -8.45 15.44 13.18
C VAL A 127 -9.26 14.16 12.97
N ILE A 128 -9.52 13.81 11.71
CA ILE A 128 -10.25 12.58 11.42
C ILE A 128 -9.45 11.36 11.87
N GLN A 129 -8.19 11.28 11.42
CA GLN A 129 -7.36 10.12 11.76
C GLN A 129 -7.14 10.00 13.26
N SER A 130 -6.86 11.12 13.93
CA SER A 130 -6.71 11.09 15.37
C SER A 130 -7.97 10.59 16.06
N SER A 131 -9.14 11.01 15.57
CA SER A 131 -10.40 10.57 16.16
C SER A 131 -10.66 9.09 15.91
N LEU A 132 -10.27 8.59 14.72
CA LEU A 132 -10.56 7.21 14.37
C LEU A 132 -9.80 6.23 15.27
N GLN A 133 -8.58 6.59 15.66
CA GLN A 133 -7.75 5.68 16.46
C GLN A 133 -7.87 5.91 17.96
N ASN A 134 -8.44 7.02 18.40
CA ASN A 134 -8.50 7.35 19.81
C ASN A 134 -9.90 7.28 20.41
N MET A 135 -10.93 7.60 19.64
CA MET A 135 -12.29 7.48 20.15
C MET A 135 -12.60 6.04 20.51
N ASP A 136 -13.58 5.86 21.39
CA ASP A 136 -14.10 4.53 21.67
C ASP A 136 -14.48 3.83 20.37
N LEU A 137 -14.20 2.53 20.29
CA LEU A 137 -14.37 1.80 19.04
C LEU A 137 -15.77 1.96 18.48
N SER A 138 -16.78 1.93 19.36
CA SER A 138 -18.16 2.01 18.91
C SER A 138 -18.43 3.31 18.15
N LEU A 139 -18.02 4.44 18.73
CA LEU A 139 -18.30 5.72 18.09
C LEU A 139 -17.40 5.97 16.89
N ALA A 140 -16.18 5.43 16.89
CA ALA A 140 -15.32 5.54 15.71
C ALA A 140 -15.94 4.83 14.52
N CYS A 141 -16.62 3.71 14.76
CA CYS A 141 -17.28 2.99 13.67
C CYS A 141 -18.35 3.85 13.00
N LYS A 142 -19.04 4.68 13.77
CA LYS A 142 -20.04 5.58 13.20
C LYS A 142 -19.39 6.64 12.32
N LEU A 143 -18.12 6.95 12.53
CA LEU A 143 -17.42 7.87 11.65
C LEU A 143 -17.28 7.30 10.25
N VAL A 144 -17.07 5.98 10.15
CA VAL A 144 -16.92 5.33 8.85
C VAL A 144 -18.23 5.40 8.07
N GLN A 145 -19.37 5.34 8.76
CA GLN A 145 -20.66 5.41 8.08
C GLN A 145 -20.86 6.74 7.36
N ALA A 146 -20.15 7.79 7.78
CA ALA A 146 -20.30 9.09 7.15
C ALA A 146 -19.50 9.23 5.85
N LEU A 147 -18.67 8.24 5.50
CA LEU A 147 -17.92 8.31 4.26
C LEU A 147 -18.87 8.27 3.07
N PRO A 148 -18.54 8.98 1.99
CA PRO A 148 -19.42 8.97 0.82
C PRO A 148 -19.31 7.65 0.05
N ARG A 149 -20.37 7.34 -0.69
CA ARG A 149 -20.46 6.10 -1.45
C ARG A 149 -20.50 6.35 -2.96
N ASP A 150 -20.35 7.60 -3.40
CA ASP A 150 -20.37 7.92 -4.82
C ASP A 150 -18.96 8.19 -5.33
N ALA A 151 -18.84 9.01 -6.39
CA ALA A 151 -17.55 9.31 -6.98
C ALA A 151 -16.66 10.13 -6.05
N ARG A 152 -17.20 10.70 -4.98
CA ARG A 152 -16.35 11.39 -4.01
C ARG A 152 -15.46 10.43 -3.25
N LEU A 153 -15.85 9.15 -3.15
CA LEU A 153 -14.98 8.15 -2.55
C LEU A 153 -13.75 7.91 -3.42
N ILE A 154 -13.91 7.98 -4.75
CA ILE A 154 -12.77 7.87 -5.65
C ILE A 154 -11.79 9.01 -5.40
N ALA A 155 -12.32 10.24 -5.35
CA ALA A 155 -11.47 11.40 -5.10
C ALA A 155 -10.82 11.34 -3.73
N ILE A 156 -11.46 10.68 -2.77
CA ILE A 156 -10.88 10.55 -1.45
C ILE A 156 -9.73 9.54 -1.48
N CYS A 157 -9.90 8.43 -2.19
CA CYS A 157 -8.85 7.42 -2.25
C CYS A 157 -7.62 7.93 -3.00
N VAL A 158 -7.80 8.83 -3.97
CA VAL A 158 -6.69 9.33 -4.77
C VAL A 158 -6.24 10.71 -4.30
N ASP A 159 -6.74 11.19 -3.18
CA ASP A 159 -6.35 12.50 -2.67
C ASP A 159 -5.07 12.38 -1.84
N GLN A 160 -4.20 13.39 -1.98
CA GLN A 160 -2.92 13.39 -1.29
C GLN A 160 -3.08 13.33 0.23
N ASN A 161 -4.20 13.87 0.74
CA ASN A 161 -4.48 13.86 2.18
C ASN A 161 -5.49 12.79 2.57
N ALA A 162 -6.62 12.72 1.87
CA ALA A 162 -7.71 11.85 2.28
C ALA A 162 -7.38 10.37 2.14
N ASN A 163 -6.37 10.01 1.35
CA ASN A 163 -6.02 8.60 1.21
C ASN A 163 -5.54 8.02 2.53
N HIS A 164 -4.92 8.83 3.38
CA HIS A 164 -4.48 8.35 4.68
C HIS A 164 -5.65 8.13 5.64
N VAL A 165 -6.76 8.83 5.42
CA VAL A 165 -7.96 8.56 6.21
C VAL A 165 -8.45 7.14 5.95
N ILE A 166 -8.53 6.75 4.67
CA ILE A 166 -8.98 5.40 4.34
C ILE A 166 -8.02 4.36 4.89
N GLN A 167 -6.72 4.59 4.74
CA GLN A 167 -5.74 3.66 5.30
C GLN A 167 -5.82 3.59 6.82
N LYS A 168 -6.20 4.69 7.46
CA LYS A 168 -6.40 4.67 8.91
C LYS A 168 -7.63 3.85 9.27
N VAL A 169 -8.72 4.01 8.52
CA VAL A 169 -9.92 3.21 8.75
C VAL A 169 -9.59 1.73 8.66
N VAL A 170 -8.86 1.35 7.62
CA VAL A 170 -8.47 -0.05 7.42
C VAL A 170 -7.63 -0.55 8.59
N ALA A 171 -6.84 0.32 9.22
CA ALA A 171 -5.89 -0.13 10.22
C ALA A 171 -6.49 -0.32 11.60
N VAL A 172 -7.52 0.47 11.96
CA VAL A 172 -7.99 0.54 13.33
C VAL A 172 -9.48 0.24 13.48
N ILE A 173 -10.18 -0.08 12.41
CA ILE A 173 -11.62 -0.32 12.48
C ILE A 173 -11.92 -1.72 11.96
N PRO A 174 -12.78 -2.49 12.63
CA PRO A 174 -13.10 -3.85 12.14
C PRO A 174 -13.67 -3.83 10.73
N LEU A 175 -13.37 -4.89 9.99
CA LEU A 175 -13.71 -4.95 8.57
C LEU A 175 -15.20 -4.84 8.32
N LYS A 176 -16.03 -5.24 9.29
CA LYS A 176 -17.47 -5.16 9.10
C LYS A 176 -17.92 -3.75 8.76
N ASN A 177 -17.23 -2.73 9.29
CA ASN A 177 -17.66 -1.35 9.10
C ASN A 177 -17.18 -0.75 7.78
N TRP A 178 -16.12 -1.28 7.17
CA TRP A 178 -15.61 -0.74 5.92
C TRP A 178 -15.61 -1.78 4.80
N GLU A 179 -16.45 -2.82 4.93
CA GLU A 179 -16.54 -3.82 3.87
C GLU A 179 -17.04 -3.21 2.57
N PHE A 180 -17.82 -2.13 2.63
CA PHE A 180 -18.31 -1.49 1.41
C PHE A 180 -17.17 -0.85 0.62
N ILE A 181 -16.11 -0.41 1.28
CA ILE A 181 -14.97 0.15 0.56
C ILE A 181 -14.29 -0.92 -0.28
N VAL A 182 -14.19 -2.15 0.26
CA VAL A 182 -13.61 -3.25 -0.51
C VAL A 182 -14.40 -3.46 -1.79
N ASP A 183 -15.72 -3.56 -1.68
CA ASP A 183 -16.55 -3.76 -2.87
C ASP A 183 -16.57 -2.53 -3.76
N PHE A 184 -16.44 -1.33 -3.17
CA PHE A 184 -16.32 -0.14 -3.99
C PHE A 184 -15.04 -0.16 -4.81
N VAL A 185 -13.91 -0.46 -4.16
CA VAL A 185 -12.64 -0.53 -4.87
C VAL A 185 -12.64 -1.68 -5.87
N ALA A 186 -13.31 -2.78 -5.53
CA ALA A 186 -13.33 -3.96 -6.40
C ALA A 186 -14.12 -3.72 -7.68
N THR A 187 -14.95 -2.68 -7.73
CA THR A 187 -15.67 -2.36 -8.95
C THR A 187 -14.67 -2.14 -10.09
N PRO A 188 -14.84 -2.80 -11.24
CA PRO A 188 -13.79 -2.74 -12.28
C PRO A 188 -13.42 -1.35 -12.72
N GLU A 189 -14.40 -0.46 -12.88
CA GLU A 189 -14.09 0.91 -13.28
C GLU A 189 -13.36 1.65 -12.16
N HIS A 190 -13.81 1.48 -10.92
CA HIS A 190 -13.16 2.15 -9.81
C HIS A 190 -11.75 1.62 -9.60
N LEU A 191 -11.55 0.31 -9.78
CA LEU A 191 -10.24 -0.28 -9.56
C LEU A 191 -9.21 0.28 -10.52
N ARG A 192 -9.61 0.58 -11.75
CA ARG A 192 -8.68 1.11 -12.74
C ARG A 192 -8.18 2.49 -12.34
N GLN A 193 -9.10 3.38 -11.97
CA GLN A 193 -8.71 4.73 -11.56
C GLN A 193 -7.84 4.69 -10.31
N ILE A 194 -8.26 3.92 -9.31
CA ILE A 194 -7.62 3.97 -8.00
C ILE A 194 -6.24 3.32 -8.04
N CYS A 195 -6.14 2.15 -8.67
CA CYS A 195 -4.86 1.43 -8.69
C CYS A 195 -3.80 2.15 -9.52
N SER A 196 -4.22 2.91 -10.52
CA SER A 196 -3.30 3.65 -11.38
C SER A 196 -2.96 5.02 -10.81
N ASP A 197 -3.27 5.26 -9.54
CA ASP A 197 -2.97 6.53 -8.88
C ASP A 197 -1.85 6.34 -7.87
N LYS A 198 -0.99 7.35 -7.75
CA LYS A 198 0.12 7.31 -6.80
C LYS A 198 -0.38 7.05 -5.38
N TYR A 199 -1.51 7.64 -5.01
CA TYR A 199 -2.08 7.48 -3.68
C TYR A 199 -3.12 6.38 -3.60
N GLY A 200 -3.92 6.21 -4.65
CA GLY A 200 -4.91 5.14 -4.66
C GLY A 200 -4.29 3.76 -4.61
N CYS A 201 -3.09 3.60 -5.18
CA CYS A 201 -2.42 2.30 -5.12
C CYS A 201 -1.97 1.96 -3.71
N ARG A 202 -1.65 2.97 -2.90
CA ARG A 202 -1.34 2.72 -1.50
C ARG A 202 -2.58 2.27 -0.73
N VAL A 203 -3.74 2.87 -1.03
CA VAL A 203 -4.98 2.45 -0.40
C VAL A 203 -5.26 0.99 -0.71
N VAL A 204 -5.14 0.61 -1.99
CA VAL A 204 -5.46 -0.75 -2.39
C VAL A 204 -4.51 -1.75 -1.75
N GLN A 205 -3.21 -1.43 -1.70
CA GLN A 205 -2.26 -2.35 -1.10
C GLN A 205 -2.46 -2.46 0.41
N THR A 206 -2.82 -1.35 1.07
CA THR A 206 -3.10 -1.42 2.50
C THR A 206 -4.33 -2.27 2.78
N ILE A 207 -5.34 -2.19 1.91
CA ILE A 207 -6.54 -3.02 2.07
C ILE A 207 -6.18 -4.49 1.91
N ILE A 208 -5.37 -4.82 0.90
CA ILE A 208 -4.98 -6.20 0.66
C ILE A 208 -4.22 -6.75 1.86
N GLU A 209 -3.29 -5.96 2.41
CA GLU A 209 -2.52 -6.42 3.56
C GLU A 209 -3.41 -6.68 4.76
N LYS A 210 -4.44 -5.84 4.96
CA LYS A 210 -5.35 -6.07 6.09
C LYS A 210 -6.26 -7.27 5.83
N LEU A 211 -6.51 -7.59 4.57
CA LEU A 211 -7.33 -8.74 4.21
C LEU A 211 -6.54 -10.04 4.14
N THR A 212 -5.24 -9.99 4.45
CA THR A 212 -4.38 -11.17 4.41
C THR A 212 -4.36 -11.86 5.76
N ALA A 213 -4.41 -13.19 5.74
CA ALA A 213 -4.37 -13.99 6.97
C ALA A 213 -2.92 -14.27 7.35
N ASP A 214 -2.21 -13.22 7.73
CA ASP A 214 -0.82 -13.33 8.12
C ASP A 214 -0.70 -13.28 9.64
N SER A 215 0.51 -13.05 10.13
CA SER A 215 0.75 -13.04 11.58
C SER A 215 0.05 -11.88 12.28
N MET A 216 -0.24 -10.79 11.55
CA MET A 216 -0.91 -9.64 12.13
C MET A 216 -2.42 -9.83 12.23
N ASN A 217 -2.95 -11.00 11.88
CA ASN A 217 -4.39 -11.24 11.94
C ASN A 217 -4.75 -12.53 12.67
N VAL A 218 -3.80 -13.18 13.34
CA VAL A 218 -4.10 -14.39 14.09
C VAL A 218 -5.03 -14.10 15.26
N ASP A 219 -5.14 -12.83 15.68
CA ASP A 219 -6.03 -12.45 16.76
C ASP A 219 -7.49 -12.39 16.34
N LEU A 220 -7.79 -12.49 15.05
CA LEU A 220 -9.17 -12.45 14.60
C LEU A 220 -9.92 -13.69 15.04
N THR A 221 -11.20 -13.51 15.36
CA THR A 221 -12.07 -14.65 15.56
C THR A 221 -12.25 -15.41 14.24
N SER A 222 -12.79 -16.63 14.35
CA SER A 222 -13.07 -17.42 13.15
C SER A 222 -14.09 -16.72 12.26
N ALA A 223 -15.15 -16.17 12.85
CA ALA A 223 -16.15 -15.45 12.08
C ALA A 223 -15.53 -14.25 11.37
N ALA A 224 -14.58 -13.57 12.02
CA ALA A 224 -13.91 -12.45 11.39
C ALA A 224 -12.93 -12.90 10.30
N GLN A 225 -12.30 -14.07 10.49
CA GLN A 225 -11.45 -14.60 9.43
C GLN A 225 -12.25 -14.94 8.18
N ASN A 226 -13.45 -15.52 8.36
CA ASN A 226 -14.28 -15.83 7.21
C ASN A 226 -14.71 -14.56 6.48
N LEU A 227 -15.09 -13.52 7.23
CA LEU A 227 -15.39 -12.24 6.61
C LEU A 227 -14.19 -11.69 5.86
N ARG A 228 -13.00 -11.80 6.47
CA ARG A 228 -11.78 -11.36 5.83
C ARG A 228 -11.50 -12.16 4.57
N GLU A 229 -11.68 -13.48 4.63
CA GLU A 229 -11.41 -14.33 3.47
C GLU A 229 -12.36 -14.02 2.32
N ARG A 230 -13.65 -13.86 2.61
CA ARG A 230 -14.61 -13.57 1.55
C ARG A 230 -14.33 -12.24 0.88
N ALA A 231 -14.01 -11.20 1.67
CA ALA A 231 -13.69 -9.90 1.08
C ALA A 231 -12.42 -9.98 0.25
N LEU A 232 -11.43 -10.75 0.70
CA LEU A 232 -10.20 -10.91 -0.05
C LEU A 232 -10.45 -11.58 -1.40
N GLN A 233 -11.34 -12.58 -1.42
CA GLN A 233 -11.61 -13.29 -2.68
C GLN A 233 -12.33 -12.41 -3.68
N ARG A 234 -13.20 -11.50 -3.21
CA ARG A 234 -13.88 -10.60 -4.12
C ARG A 234 -12.91 -9.59 -4.73
N LEU A 235 -11.96 -9.11 -3.94
CA LEU A 235 -10.99 -8.15 -4.45
C LEU A 235 -9.94 -8.83 -5.33
N MET A 236 -9.53 -10.04 -4.96
CA MET A 236 -8.54 -10.74 -5.77
C MET A 236 -9.12 -11.10 -7.12
N THR A 237 -10.41 -11.42 -7.17
CA THR A 237 -11.08 -11.67 -8.44
C THR A 237 -10.99 -10.45 -9.34
N SER A 238 -11.26 -9.27 -8.79
CA SER A 238 -11.18 -8.04 -9.59
C SER A 238 -9.76 -7.76 -10.04
N VAL A 239 -8.79 -7.96 -9.13
CA VAL A 239 -7.40 -7.66 -9.47
C VAL A 239 -6.90 -8.60 -10.56
N THR A 240 -7.12 -9.91 -10.39
CA THR A 240 -6.63 -10.88 -11.36
C THR A 240 -7.38 -10.80 -12.69
N ASN A 241 -8.58 -10.24 -12.70
CA ASN A 241 -9.29 -10.02 -13.96
C ASN A 241 -8.62 -8.97 -14.83
N ARG A 242 -7.71 -8.17 -14.25
CA ARG A 242 -7.10 -7.06 -14.97
C ARG A 242 -5.62 -6.92 -14.66
N CYS A 243 -4.97 -7.99 -14.18
CA CYS A 243 -3.57 -7.89 -13.76
C CYS A 243 -2.64 -7.49 -14.90
N GLN A 244 -3.06 -7.64 -16.16
CA GLN A 244 -2.19 -7.25 -17.26
C GLN A 244 -1.95 -5.74 -17.28
N GLU A 245 -3.03 -4.95 -17.20
CA GLU A 245 -2.84 -3.50 -17.17
C GLU A 245 -2.32 -3.02 -15.82
N LEU A 246 -2.57 -3.77 -14.75
CA LEU A 246 -2.02 -3.39 -13.45
C LEU A 246 -0.53 -3.69 -13.38
N ALA A 247 -0.10 -4.84 -13.91
CA ALA A 247 1.31 -5.24 -13.79
C ALA A 247 2.23 -4.30 -14.58
N THR A 248 1.74 -3.69 -15.66
CA THR A 248 2.54 -2.78 -16.45
C THR A 248 2.45 -1.33 -16.00
N ASN A 249 1.52 -1.01 -15.09
CA ASN A 249 1.30 0.36 -14.67
C ASN A 249 2.39 0.82 -13.71
N GLU A 250 2.68 2.13 -13.74
CA GLU A 250 3.78 2.68 -12.97
C GLU A 250 3.54 2.62 -11.46
N TYR A 251 2.30 2.53 -11.01
CA TYR A 251 1.98 2.38 -9.59
C TYR A 251 1.35 1.04 -9.25
N ALA A 252 0.47 0.53 -10.11
CA ALA A 252 -0.21 -0.73 -9.84
C ALA A 252 0.71 -1.94 -9.93
N ASN A 253 1.92 -1.79 -10.49
CA ASN A 253 2.83 -2.93 -10.53
C ASN A 253 3.29 -3.32 -9.12
N TYR A 254 3.32 -2.36 -8.20
CA TYR A 254 3.65 -2.68 -6.81
C TYR A 254 2.61 -3.59 -6.17
N ILE A 255 1.34 -3.44 -6.57
CA ILE A 255 0.29 -4.29 -6.02
C ILE A 255 0.44 -5.73 -6.53
N ILE A 256 0.69 -5.90 -7.83
CA ILE A 256 0.88 -7.23 -8.37
C ILE A 256 2.12 -7.89 -7.77
N GLN A 257 3.17 -7.10 -7.53
CA GLN A 257 4.37 -7.63 -6.87
C GLN A 257 4.04 -8.16 -5.49
N HIS A 258 3.31 -7.37 -4.70
CA HIS A 258 3.00 -7.75 -3.32
C HIS A 258 2.23 -9.07 -3.27
N ILE A 259 1.27 -9.25 -4.17
CA ILE A 259 0.50 -10.48 -4.20
C ILE A 259 1.41 -11.67 -4.53
N VAL A 260 2.26 -11.51 -5.55
CA VAL A 260 3.08 -12.61 -6.01
C VAL A 260 4.15 -12.97 -4.99
N SER A 261 4.61 -12.01 -4.19
CA SER A 261 5.72 -12.27 -3.27
C SER A 261 5.26 -12.62 -1.86
N ASN A 262 3.98 -12.44 -1.53
CA ASN A 262 3.51 -12.68 -0.18
C ASN A 262 3.19 -14.17 0.01
N ASP A 263 3.83 -14.79 1.00
CA ASP A 263 3.62 -16.22 1.24
C ASP A 263 2.20 -16.51 1.69
N ASP A 264 1.60 -15.61 2.46
CA ASP A 264 0.23 -15.81 2.91
C ASP A 264 -0.80 -15.56 1.80
N LEU A 265 -0.36 -15.17 0.61
CA LEU A 265 -1.22 -15.06 -0.57
C LEU A 265 -0.79 -16.05 -1.65
N ALA A 266 -0.20 -17.18 -1.24
CA ALA A 266 0.40 -18.11 -2.19
C ALA A 266 -0.62 -18.66 -3.19
N VAL A 267 -1.87 -18.86 -2.75
CA VAL A 267 -2.88 -19.43 -3.64
C VAL A 267 -3.14 -18.52 -4.84
N TYR A 268 -3.01 -17.21 -4.65
CA TYR A 268 -3.21 -16.27 -5.74
C TYR A 268 -1.97 -16.10 -6.61
N ARG A 269 -0.90 -16.85 -6.34
CA ARG A 269 0.30 -16.79 -7.18
C ARG A 269 0.06 -17.51 -8.50
N GLU A 270 -0.42 -18.76 -8.44
CA GLU A 270 -0.72 -19.51 -9.65
C GLU A 270 -1.69 -18.74 -10.55
N CYS A 271 -2.70 -18.11 -9.94
CA CYS A 271 -3.71 -17.40 -10.71
C CYS A 271 -3.10 -16.21 -11.45
N ILE A 272 -2.33 -15.37 -10.74
CA ILE A 272 -1.75 -14.20 -11.36
C ILE A 272 -0.72 -14.60 -12.42
N ILE A 273 0.17 -15.54 -12.06
CA ILE A 273 1.21 -15.95 -12.99
C ILE A 273 0.60 -16.56 -14.26
N GLU A 274 -0.49 -17.31 -14.10
CA GLU A 274 -1.10 -17.95 -15.26
C GLU A 274 -2.00 -17.00 -16.05
N LYS A 275 -2.61 -16.01 -15.39
CA LYS A 275 -3.59 -15.17 -16.08
C LYS A 275 -2.93 -14.14 -16.98
N CYS A 276 -1.88 -13.47 -16.51
CA CYS A 276 -1.28 -12.39 -17.28
C CYS A 276 0.21 -12.52 -17.51
N LEU A 277 0.92 -13.38 -16.79
CA LEU A 277 2.37 -13.49 -16.97
C LEU A 277 2.75 -14.55 -17.99
N MET A 278 2.19 -15.75 -17.87
CA MET A 278 2.50 -16.82 -18.82
C MET A 278 2.16 -16.39 -20.24
N ARG A 279 3.00 -16.80 -21.19
CA ARG A 279 2.93 -16.47 -22.61
C ARG A 279 3.22 -15.00 -22.90
N ASN A 280 3.66 -14.23 -21.91
CA ASN A 280 4.01 -12.83 -22.11
C ASN A 280 5.35 -12.48 -21.45
N LEU A 281 6.14 -13.49 -21.07
CA LEU A 281 7.33 -13.22 -20.28
C LEU A 281 8.36 -12.41 -21.06
N LEU A 282 8.54 -12.71 -22.34
CA LEU A 282 9.50 -11.94 -23.14
C LEU A 282 9.08 -10.49 -23.27
N SER A 283 7.78 -10.25 -23.49
CA SER A 283 7.29 -8.89 -23.66
C SER A 283 7.34 -8.11 -22.35
N LEU A 284 6.91 -8.74 -21.24
CA LEU A 284 6.84 -8.04 -19.98
C LEU A 284 8.22 -7.81 -19.37
N SER A 285 9.18 -8.69 -19.67
CA SER A 285 10.54 -8.52 -19.14
C SER A 285 11.24 -7.32 -19.74
N GLN A 286 10.75 -6.79 -20.86
CA GLN A 286 11.32 -5.61 -21.48
C GLN A 286 10.57 -4.34 -21.10
N GLU A 287 9.74 -4.40 -20.07
CA GLU A 287 8.99 -3.24 -19.61
C GLU A 287 9.60 -2.69 -18.33
N LYS A 288 9.66 -1.36 -18.23
CA LYS A 288 10.26 -0.72 -17.08
C LYS A 288 9.62 -1.18 -15.77
N PHE A 289 8.29 -1.29 -15.75
CA PHE A 289 7.58 -1.63 -14.52
C PHE A 289 7.25 -3.12 -14.42
N ALA A 290 6.83 -3.75 -15.51
CA ALA A 290 6.43 -5.15 -15.46
C ALA A 290 7.61 -6.10 -15.25
N SER A 291 8.83 -5.66 -15.56
CA SER A 291 9.98 -6.53 -15.34
C SER A 291 10.18 -6.83 -13.86
N HIS A 292 9.81 -5.90 -12.98
CA HIS A 292 9.85 -6.17 -11.54
C HIS A 292 8.86 -7.26 -11.16
N VAL A 293 7.67 -7.23 -11.75
CA VAL A 293 6.68 -8.27 -11.50
C VAL A 293 7.20 -9.63 -11.98
N VAL A 294 7.84 -9.65 -13.15
CA VAL A 294 8.40 -10.89 -13.67
C VAL A 294 9.49 -11.42 -12.73
N GLU A 295 10.34 -10.52 -12.22
CA GLU A 295 11.34 -10.93 -11.24
C GLU A 295 10.69 -11.62 -10.04
N LYS A 296 9.68 -10.97 -9.44
CA LYS A 296 9.02 -11.55 -8.28
C LYS A 296 8.33 -12.86 -8.61
N ALA A 297 7.82 -12.99 -9.84
CA ALA A 297 7.16 -14.23 -10.23
C ALA A 297 8.13 -15.39 -10.28
N PHE A 298 9.34 -15.17 -10.82
CA PHE A 298 10.34 -16.22 -10.82
C PHE A 298 10.75 -16.58 -9.40
N LEU A 299 10.83 -15.58 -8.52
CA LEU A 299 11.36 -15.81 -7.18
C LEU A 299 10.43 -16.64 -6.32
N HIS A 300 9.11 -16.52 -6.53
CA HIS A 300 8.14 -17.13 -5.62
C HIS A 300 7.21 -18.12 -6.31
N ALA A 301 7.42 -18.42 -7.59
CA ALA A 301 6.53 -19.32 -8.29
C ALA A 301 6.60 -20.72 -7.68
N PRO A 302 5.48 -21.44 -7.65
CA PRO A 302 5.54 -22.87 -7.34
C PRO A 302 6.43 -23.58 -8.36
N LEU A 303 6.99 -24.71 -7.94
CA LEU A 303 8.01 -25.35 -8.76
C LEU A 303 7.45 -25.83 -10.10
N GLU A 304 6.25 -26.41 -10.09
CA GLU A 304 5.67 -26.88 -11.35
C GLU A 304 5.38 -25.72 -12.29
N LEU A 305 4.98 -24.58 -11.76
CA LEU A 305 4.77 -23.39 -12.58
C LEU A 305 6.09 -22.74 -12.96
N LEU A 306 7.05 -22.73 -12.03
CA LEU A 306 8.38 -22.20 -12.34
C LEU A 306 9.00 -22.94 -13.51
N ALA A 307 8.81 -24.26 -13.58
CA ALA A 307 9.31 -25.03 -14.71
C ALA A 307 8.71 -24.54 -16.02
N GLU A 308 7.43 -24.16 -16.01
CA GLU A 308 6.80 -23.64 -17.23
C GLU A 308 7.37 -22.29 -17.61
N MET A 309 7.66 -21.43 -16.62
CA MET A 309 8.26 -20.14 -16.93
C MET A 309 9.66 -20.33 -17.49
N MET A 310 10.44 -21.25 -16.93
CA MET A 310 11.77 -21.55 -17.46
C MET A 310 11.67 -22.05 -18.88
N ASP A 311 10.74 -22.98 -19.14
CA ASP A 311 10.59 -23.53 -20.49
CA ASP A 311 10.58 -23.53 -20.48
C ASP A 311 10.14 -22.46 -21.48
N GLU A 312 9.38 -21.46 -21.03
CA GLU A 312 8.97 -20.41 -21.95
C GLU A 312 10.15 -19.55 -22.36
N ILE A 313 11.03 -19.21 -21.42
CA ILE A 313 12.20 -18.42 -21.76
C ILE A 313 13.16 -19.21 -22.63
N PHE A 314 13.41 -20.48 -22.26
CA PHE A 314 14.40 -21.27 -22.98
C PHE A 314 13.87 -21.80 -24.30
N ASP A 315 12.56 -22.08 -24.41
CA ASP A 315 12.05 -22.71 -25.62
C ASP A 315 10.62 -22.31 -25.97
N GLY A 316 10.08 -21.24 -25.40
CA GLY A 316 8.72 -20.84 -25.71
C GLY A 316 8.56 -19.96 -26.92
N TYR A 317 9.65 -19.52 -27.54
CA TYR A 317 9.60 -18.59 -28.65
C TYR A 317 10.44 -19.08 -29.81
N ILE A 318 9.98 -18.78 -31.02
CA ILE A 318 10.73 -19.11 -32.23
C ILE A 318 11.81 -18.04 -32.44
N PRO A 319 13.06 -18.43 -32.69
CA PRO A 319 14.12 -17.44 -32.89
C PRO A 319 13.83 -16.55 -34.09
N HIS A 320 14.42 -15.36 -34.06
CA HIS A 320 14.21 -14.39 -35.12
C HIS A 320 14.64 -14.98 -36.46
N PRO A 321 13.80 -14.89 -37.51
CA PRO A 321 14.09 -15.62 -38.75
C PRO A 321 15.32 -15.11 -39.49
N ASP A 322 15.77 -13.89 -39.23
CA ASP A 322 16.90 -13.31 -39.95
C ASP A 322 18.22 -13.46 -39.20
N THR A 323 18.20 -13.30 -37.88
CA THR A 323 19.43 -13.29 -37.10
C THR A 323 19.63 -14.53 -36.24
N GLY A 324 18.58 -15.32 -35.99
CA GLY A 324 18.69 -16.43 -35.06
C GLY A 324 18.67 -16.03 -33.60
N LYS A 325 18.39 -14.77 -33.30
CA LYS A 325 18.33 -14.31 -31.92
C LYS A 325 17.08 -14.88 -31.24
N ASP A 326 17.26 -15.46 -30.05
CA ASP A 326 16.17 -16.08 -29.33
C ASP A 326 15.79 -15.24 -28.11
N ALA A 327 14.80 -15.74 -27.35
CA ALA A 327 14.26 -14.96 -26.23
C ALA A 327 15.30 -14.74 -25.15
N LEU A 328 16.14 -15.75 -24.88
CA LEU A 328 17.19 -15.59 -23.88
C LEU A 328 18.19 -14.51 -24.31
N ASP A 329 18.55 -14.49 -25.60
CA ASP A 329 19.47 -13.46 -26.10
C ASP A 329 18.89 -12.06 -25.90
N ILE A 330 17.61 -11.89 -26.22
CA ILE A 330 16.99 -10.57 -26.11
C ILE A 330 16.95 -10.13 -24.65
N MET A 331 16.50 -11.03 -23.76
CA MET A 331 16.35 -10.67 -22.35
C MET A 331 17.71 -10.47 -21.69
N MET A 332 18.70 -11.27 -22.07
CA MET A 332 20.00 -11.23 -21.41
C MET A 332 20.68 -9.87 -21.57
N PHE A 333 20.51 -9.23 -22.73
CA PHE A 333 21.18 -7.97 -23.04
C PHE A 333 20.24 -6.78 -23.00
N HIS A 334 19.01 -6.97 -22.54
CA HIS A 334 18.06 -5.87 -22.47
C HIS A 334 18.26 -5.09 -21.18
N GLN A 335 18.00 -3.77 -21.25
CA GLN A 335 18.24 -2.89 -20.12
C GLN A 335 17.36 -3.23 -18.94
N PHE A 336 16.21 -3.86 -19.17
CA PHE A 336 15.36 -4.36 -18.10
C PHE A 336 15.36 -5.88 -17.99
N GLY A 337 15.46 -6.59 -19.12
CA GLY A 337 15.40 -8.03 -19.08
C GLY A 337 16.58 -8.68 -18.40
N ASN A 338 17.72 -7.99 -18.36
CA ASN A 338 18.91 -8.58 -17.75
C ASN A 338 18.71 -8.84 -16.26
N TYR A 339 17.90 -8.00 -15.59
CA TYR A 339 17.58 -8.24 -14.19
C TYR A 339 16.75 -9.51 -14.03
N VAL A 340 15.91 -9.83 -15.01
CA VAL A 340 15.12 -11.06 -14.95
C VAL A 340 16.04 -12.27 -15.13
N VAL A 341 16.93 -12.21 -16.12
CA VAL A 341 17.85 -13.32 -16.35
C VAL A 341 18.76 -13.51 -15.14
N GLN A 342 19.22 -12.41 -14.54
CA GLN A 342 19.99 -12.52 -13.30
C GLN A 342 19.18 -13.24 -12.22
N CYS A 343 17.89 -12.91 -12.10
CA CYS A 343 17.04 -13.61 -11.14
CA CYS A 343 17.04 -13.60 -11.14
C CYS A 343 16.99 -15.10 -11.43
N MET A 344 16.84 -15.47 -12.70
CA MET A 344 16.81 -16.88 -13.08
C MET A 344 18.09 -17.58 -12.65
N LEU A 345 19.23 -16.92 -12.87
CA LEU A 345 20.52 -17.53 -12.55
C LEU A 345 20.73 -17.64 -11.05
N THR A 346 20.37 -16.59 -10.30
CA THR A 346 20.52 -16.62 -8.85
C THR A 346 19.64 -17.71 -8.24
N ILE A 347 18.42 -17.88 -8.76
CA ILE A 347 17.52 -18.92 -8.26
C ILE A 347 18.13 -20.30 -8.47
N CYS A 348 18.66 -20.55 -9.67
CA CYS A 348 19.23 -21.87 -9.96
C CYS A 348 20.46 -22.14 -9.11
N CYS A 349 21.33 -21.13 -8.94
CA CYS A 349 22.51 -21.31 -8.11
C CYS A 349 22.14 -21.53 -6.65
N ASP A 350 21.09 -20.85 -6.17
CA ASP A 350 20.62 -21.08 -4.81
C ASP A 350 20.12 -22.50 -4.62
N ALA A 351 19.56 -23.10 -5.68
CA ALA A 351 19.00 -24.44 -5.57
C ALA A 351 20.11 -25.49 -5.49
N VAL A 352 21.03 -25.48 -6.46
CA VAL A 352 22.07 -26.50 -6.51
C VAL A 352 23.01 -26.42 -5.31
N SER A 353 23.12 -25.24 -4.69
CA SER A 353 24.01 -25.07 -3.54
C SER A 353 23.31 -25.32 -2.21
N GLY A 354 21.99 -25.49 -2.20
CA GLY A 354 21.26 -25.83 -1.00
C GLY A 354 20.53 -24.68 -0.34
N ARG A 355 20.80 -23.44 -0.74
CA ARG A 355 20.12 -22.29 -0.16
C ARG A 355 18.65 -22.23 -0.50
N ARG A 356 18.17 -23.08 -1.40
CA ARG A 356 16.76 -23.13 -1.78
C ARG A 356 16.33 -24.59 -1.83
N GLN A 357 15.20 -24.91 -1.20
CA GLN A 357 14.68 -26.26 -1.22
C GLN A 357 13.99 -26.55 -2.55
N THR A 358 14.04 -27.82 -2.96
CA THR A 358 13.62 -28.21 -4.31
C THR A 358 12.52 -29.27 -4.32
N LYS A 359 11.88 -29.54 -3.19
CA LYS A 359 10.84 -30.56 -3.10
C LYS A 359 9.46 -29.91 -3.23
N GLU A 360 8.59 -30.53 -4.02
CA GLU A 360 7.22 -30.07 -4.16
C GLU A 360 6.38 -31.14 -4.84
N GLY A 361 5.22 -31.43 -4.27
CA GLY A 361 4.24 -32.31 -4.89
C GLY A 361 4.70 -33.73 -5.11
N GLY A 362 5.58 -34.25 -4.26
CA GLY A 362 6.11 -35.59 -4.40
C GLY A 362 7.34 -35.68 -5.29
N TYR A 363 7.67 -34.63 -6.02
CA TYR A 363 8.85 -34.58 -6.88
C TYR A 363 9.97 -33.83 -6.19
N ASP A 364 11.20 -34.16 -6.56
CA ASP A 364 12.38 -33.37 -6.20
C ASP A 364 12.83 -32.68 -7.48
N HIS A 365 12.56 -31.38 -7.59
CA HIS A 365 12.88 -30.61 -8.77
C HIS A 365 14.36 -30.22 -8.85
N ALA A 366 15.22 -30.84 -8.03
CA ALA A 366 16.64 -30.54 -8.08
C ALA A 366 17.21 -30.82 -9.47
N ILE A 367 16.81 -31.94 -10.08
CA ILE A 367 17.30 -32.29 -11.41
C ILE A 367 16.87 -31.25 -12.44
N SER A 368 15.74 -30.57 -12.21
CA SER A 368 15.28 -29.54 -13.14
C SER A 368 16.06 -28.25 -12.96
N PHE A 369 16.36 -27.87 -11.72
CA PHE A 369 17.20 -26.70 -11.48
C PHE A 369 18.58 -26.89 -12.08
N GLN A 370 19.12 -28.11 -11.97
CA GLN A 370 20.41 -28.42 -12.58
C GLN A 370 20.32 -28.28 -14.10
N ASP A 371 19.17 -28.61 -14.69
CA ASP A 371 19.00 -28.48 -16.13
C ASP A 371 19.01 -27.01 -16.55
N TRP A 372 18.24 -26.17 -15.85
CA TRP A 372 18.18 -24.76 -16.22
C TRP A 372 19.51 -24.06 -15.95
N LEU A 373 20.21 -24.43 -14.89
CA LEU A 373 21.52 -23.84 -14.63
C LEU A 373 22.51 -24.23 -15.71
N LYS A 374 22.45 -25.49 -16.17
CA LYS A 374 23.28 -25.92 -17.29
C LYS A 374 23.02 -25.10 -18.54
N LYS A 375 21.75 -24.75 -18.78
CA LYS A 375 21.40 -23.93 -19.94
C LYS A 375 21.98 -22.53 -19.81
N LEU A 376 21.85 -21.93 -18.63
CA LEU A 376 22.34 -20.56 -18.45
C LEU A 376 23.86 -20.52 -18.40
N HIS A 377 24.47 -21.52 -17.77
CA HIS A 377 25.94 -21.61 -17.78
C HIS A 377 26.46 -21.80 -19.20
N SER A 378 25.78 -22.60 -20.01
CA SER A 378 26.22 -22.84 -21.37
C SER A 378 26.12 -21.56 -22.21
N ARG A 379 25.04 -20.79 -22.04
CA ARG A 379 24.88 -19.56 -22.81
C ARG A 379 25.82 -18.46 -22.33
N VAL A 380 26.01 -18.34 -21.01
CA VAL A 380 26.93 -17.33 -20.49
C VAL A 380 28.36 -17.62 -20.96
N THR A 381 28.72 -18.90 -21.06
CA THR A 381 30.04 -19.26 -21.56
C THR A 381 30.24 -18.81 -23.01
N LYS A 382 29.26 -19.10 -23.88
CA LYS A 382 29.40 -18.71 -25.28
C LYS A 382 29.46 -17.20 -25.43
N GLU A 383 28.66 -16.47 -24.65
CA GLU A 383 28.54 -15.03 -24.77
C GLU A 383 29.40 -14.27 -23.77
N ARG A 384 30.45 -14.90 -23.26
CA ARG A 384 31.24 -14.30 -22.18
C ARG A 384 31.88 -12.98 -22.60
N HIS A 385 32.19 -12.82 -23.88
CA HIS A 385 32.83 -11.59 -24.32
C HIS A 385 31.82 -10.44 -24.42
N ARG A 386 30.64 -10.72 -24.98
CA ARG A 386 29.59 -9.71 -24.98
C ARG A 386 29.13 -9.39 -23.57
N LEU A 387 29.00 -10.41 -22.72
CA LEU A 387 28.53 -10.19 -21.36
C LEU A 387 29.53 -9.39 -20.54
N SER A 388 30.83 -9.54 -20.80
CA SER A 388 31.84 -8.84 -20.01
C SER A 388 31.86 -7.34 -20.25
N ARG A 389 31.08 -6.84 -21.21
CA ARG A 389 30.96 -5.40 -21.43
C ARG A 389 30.06 -4.73 -20.40
N PHE A 390 29.20 -5.49 -19.72
CA PHE A 390 28.11 -4.93 -18.94
C PHE A 390 28.27 -5.29 -17.47
N SER A 391 27.70 -4.42 -16.61
CA SER A 391 27.68 -4.71 -15.19
C SER A 391 26.83 -5.94 -14.90
N SER A 392 25.70 -6.08 -15.58
CA SER A 392 24.86 -7.26 -15.42
C SER A 392 25.56 -8.52 -15.90
N GLY A 393 26.31 -8.41 -17.00
CA GLY A 393 27.01 -9.58 -17.51
C GLY A 393 28.14 -10.02 -16.59
N LYS A 394 28.91 -9.05 -16.06
CA LYS A 394 29.96 -9.40 -15.11
C LYS A 394 29.37 -10.01 -13.85
N LYS A 395 28.14 -9.65 -13.50
CA LYS A 395 27.50 -10.24 -12.33
C LYS A 395 27.08 -11.68 -12.61
N MET A 396 26.60 -11.97 -13.82
CA MET A 396 26.24 -13.35 -14.16
C MET A 396 27.47 -14.24 -14.18
N ILE A 397 28.56 -13.77 -14.78
CA ILE A 397 29.80 -14.53 -14.80
C ILE A 397 30.31 -14.76 -13.38
N GLU A 398 30.24 -13.74 -12.54
CA GLU A 398 30.71 -13.87 -11.17
C GLU A 398 29.83 -14.79 -10.36
N THR A 399 28.51 -14.75 -10.60
CA THR A 399 27.60 -15.67 -9.92
C THR A 399 27.95 -17.12 -10.23
N LEU A 400 28.30 -17.41 -11.49
CA LEU A 400 28.63 -18.77 -11.86
C LEU A 400 29.97 -19.19 -11.29
N ALA A 401 30.95 -18.28 -11.28
CA ALA A 401 32.25 -18.61 -10.72
C ALA A 401 32.18 -18.87 -9.22
N ASN A 402 31.28 -18.16 -8.52
CA ASN A 402 31.13 -18.40 -7.08
C ASN A 402 30.56 -19.78 -6.81
N LEU A 403 29.84 -20.36 -7.77
CA LEU A 403 29.28 -21.69 -7.59
C LEU A 403 30.37 -22.76 -7.55
N ARG A 404 31.43 -22.58 -8.35
CA ARG A 404 32.54 -23.52 -8.37
C ARG A 404 33.64 -23.09 -7.41
N GLN C 13 10.51 7.60 -20.87
CA GLN C 13 10.30 6.49 -21.80
C GLN C 13 11.34 6.50 -22.91
N HIS C 14 12.56 6.92 -22.58
CA HIS C 14 13.67 6.95 -23.52
C HIS C 14 14.29 5.56 -23.65
N GLU C 15 13.48 4.55 -23.94
CA GLU C 15 13.93 3.17 -23.96
C GLU C 15 14.04 2.66 -25.40
N ALA C 16 14.73 1.53 -25.54
CA ALA C 16 14.85 0.86 -26.82
C ALA C 16 13.54 0.13 -27.14
N PRO C 17 13.19 0.03 -28.42
CA PRO C 17 11.95 -0.66 -28.79
C PRO C 17 12.00 -2.12 -28.40
N LYS C 18 10.84 -2.67 -28.06
CA LYS C 18 10.75 -4.07 -27.67
C LYS C 18 11.10 -4.97 -28.85
N GLN C 19 11.79 -6.06 -28.56
CA GLN C 19 12.12 -7.09 -29.55
C GLN C 19 11.21 -8.28 -29.28
N LEU C 20 10.18 -8.44 -30.09
CA LEU C 20 9.19 -9.49 -29.91
C LEU C 20 9.52 -10.69 -30.77
N LEU C 21 9.14 -11.88 -30.29
CA LEU C 21 9.34 -13.12 -31.01
C LEU C 21 8.03 -13.88 -31.07
N GLN C 22 7.88 -14.71 -32.11
CA GLN C 22 6.69 -15.52 -32.27
C GLN C 22 6.61 -16.57 -31.18
N LEU C 23 5.44 -16.68 -30.55
CA LEU C 23 5.21 -17.65 -29.50
C LEU C 23 5.04 -19.05 -30.08
N ARG C 24 5.52 -20.05 -29.35
CA ARG C 24 5.20 -21.43 -29.71
C ARG C 24 3.75 -21.74 -29.37
N SER C 25 3.13 -22.59 -30.19
CA SER C 25 1.72 -22.88 -30.03
C SER C 25 1.48 -23.69 -28.75
N GLU C 26 0.32 -23.46 -28.14
CA GLU C 26 -0.05 -24.10 -26.89
C GLU C 26 -1.09 -25.19 -27.16
N ILE C 27 -1.12 -26.18 -26.27
CA ILE C 27 -2.12 -27.24 -26.32
C ILE C 27 -2.65 -27.51 -24.92
#